data_3LQW
#
_entry.id   3LQW
#
_cell.length_a   63.140
_cell.length_b   63.140
_cell.length_c   108.370
_cell.angle_alpha   90.00
_cell.angle_beta   90.00
_cell.angle_gamma   120.00
#
_symmetry.space_group_name_H-M   'H 3'
#
loop_
_entity.id
_entity.type
_entity.pdbx_description
1 polymer "Deoxyuridine 5'-triphosphate nucleotidohydrolase"
2 non-polymer 1,2-ETHANEDIOL
3 non-polymer GLYCEROL
4 water water
#
_entity_poly.entity_id   1
_entity_poly.type   'polypeptide(L)'
_entity_poly.pdbx_seq_one_letter_code
;MAHHHHHHMGTLEAQTQGPGSMDEVLLVKKLVEDAIVPTRGSKCAAGIDLYSNTNFIIQPHERFLVSTGVSVQIPHQCYG
RIAPRSSLALKYGIDVGAGVIDEDYRGEIKVILFNHSNEIFNGRKGDRIAQLIIERISYCRISEVKELNTTDRGTNGFGS
TGK
;
_entity_poly.pdbx_strand_id   A
#
# COMPACT_ATOMS: atom_id res chain seq x y z
N ASP A 23 -20.68 9.31 7.42
CA ASP A 23 -20.38 8.73 6.09
C ASP A 23 -18.93 8.98 5.70
N GLU A 24 -18.19 7.90 5.45
CA GLU A 24 -16.84 8.02 4.92
C GLU A 24 -16.77 7.23 3.64
N VAL A 25 -16.07 7.76 2.64
CA VAL A 25 -15.92 7.10 1.34
C VAL A 25 -14.47 7.25 0.86
N LEU A 26 -13.91 6.18 0.33
CA LEU A 26 -12.63 6.23 -0.38
C LEU A 26 -12.98 6.44 -1.85
N LEU A 27 -12.59 7.56 -2.43
CA LEU A 27 -12.83 7.81 -3.86
C LEU A 27 -11.64 7.26 -4.64
N VAL A 28 -11.92 6.62 -5.77
CA VAL A 28 -10.91 6.00 -6.61
C VAL A 28 -11.06 6.48 -8.04
N LYS A 29 -10.00 6.98 -8.65
CA LYS A 29 -9.95 7.36 -10.06
C LYS A 29 -9.10 6.36 -10.82
N LYS A 30 -9.64 5.74 -11.87
CA LYS A 30 -8.85 4.94 -12.78
C LYS A 30 -8.03 5.87 -13.65
N LEU A 31 -6.72 5.70 -13.66
CA LEU A 31 -5.83 6.48 -14.49
C LEU A 31 -5.65 5.89 -15.90
N VAL A 32 -5.99 4.62 -16.04
CA VAL A 32 -6.01 3.91 -17.32
C VAL A 32 -7.23 3.04 -17.33
N GLU A 33 -7.77 2.80 -18.52
CA GLU A 33 -9.08 2.18 -18.63
C GLU A 33 -9.20 0.79 -18.03
N ASP A 34 -8.11 0.03 -18.06
CA ASP A 34 -8.15 -1.32 -17.52
C ASP A 34 -7.64 -1.43 -16.08
N ALA A 35 -7.46 -0.31 -15.39
CA ALA A 35 -7.13 -0.38 -13.94
C ALA A 35 -8.28 -1.08 -13.20
N ILE A 36 -7.96 -1.76 -12.11
CA ILE A 36 -8.93 -2.42 -11.27
C ILE A 36 -9.15 -1.61 -10.01
N VAL A 37 -10.38 -1.22 -9.75
CA VAL A 37 -10.70 -0.50 -8.53
C VAL A 37 -10.39 -1.41 -7.31
N PRO A 38 -9.64 -0.89 -6.34
CA PRO A 38 -9.38 -1.66 -5.12
C PRO A 38 -10.65 -2.15 -4.46
N THR A 39 -10.56 -3.32 -3.86
CA THR A 39 -11.73 -4.01 -3.30
C THR A 39 -11.55 -4.40 -1.85
N ARG A 40 -12.61 -4.30 -1.05
CA ARG A 40 -12.57 -4.83 0.29
C ARG A 40 -13.01 -6.32 0.25
N GLY A 41 -12.20 -7.22 0.81
CA GLY A 41 -12.31 -8.67 0.59
C GLY A 41 -13.29 -9.45 1.46
N SER A 42 -13.52 -8.95 2.67
CA SER A 42 -14.51 -9.55 3.58
C SER A 42 -15.16 -8.38 4.31
N LYS A 43 -16.25 -8.66 5.02
CA LYS A 43 -17.07 -7.58 5.60
C LYS A 43 -16.26 -6.65 6.51
N CYS A 44 -15.39 -7.24 7.33
CA CYS A 44 -14.59 -6.48 8.26
C CYS A 44 -13.13 -6.68 7.93
N ALA A 45 -12.82 -6.77 6.64
CA ALA A 45 -11.43 -6.78 6.24
C ALA A 45 -10.93 -5.37 6.52
N ALA A 46 -9.81 -5.33 7.20
CA ALA A 46 -9.13 -4.10 7.51
C ALA A 46 -8.64 -3.48 6.21
N GLY A 47 -8.22 -4.31 5.28
CA GLY A 47 -7.49 -3.89 4.11
C GLY A 47 -8.28 -4.01 2.84
N ILE A 48 -7.94 -3.12 1.95
CA ILE A 48 -8.52 -3.04 0.63
C ILE A 48 -7.43 -3.52 -0.35
N ASP A 49 -7.77 -4.51 -1.15
CA ASP A 49 -6.80 -5.12 -2.03
C ASP A 49 -6.42 -4.17 -3.15
N LEU A 50 -5.10 -4.04 -3.39
CA LEU A 50 -4.51 -3.27 -4.47
C LEU A 50 -4.03 -4.24 -5.56
N TYR A 51 -4.32 -3.91 -6.80
CA TYR A 51 -4.04 -4.79 -7.95
C TYR A 51 -2.95 -4.18 -8.82
N SER A 52 -2.03 -5.00 -9.31
CA SER A 52 -1.06 -4.55 -10.28
C SER A 52 -1.69 -4.23 -11.63
N ASN A 53 -1.27 -3.12 -12.23
CA ASN A 53 -1.69 -2.82 -13.61
C ASN A 53 -0.73 -3.33 -14.65
N THR A 54 0.35 -4.03 -14.25
CA THR A 54 1.37 -4.50 -15.19
C THR A 54 1.92 -5.88 -14.77
N ASN A 55 2.47 -6.59 -15.73
CA ASN A 55 3.35 -7.70 -15.47
C ASN A 55 4.69 -7.14 -14.97
N PHE A 56 5.37 -7.86 -14.11
CA PHE A 56 6.67 -7.41 -13.60
C PHE A 56 7.44 -8.60 -13.08
N ILE A 57 8.75 -8.41 -12.99
CA ILE A 57 9.65 -9.43 -12.46
C ILE A 57 10.53 -8.77 -11.40
N ILE A 58 10.68 -9.41 -10.27
CA ILE A 58 11.59 -8.94 -9.21
C ILE A 58 12.66 -9.99 -8.99
N GLN A 59 13.90 -9.59 -9.25
CA GLN A 59 15.03 -10.48 -9.01
C GLN A 59 15.22 -10.78 -7.51
N PRO A 60 15.91 -11.91 -7.19
CA PRO A 60 16.15 -12.23 -5.80
C PRO A 60 16.84 -11.08 -5.06
N HIS A 61 16.36 -10.73 -3.88
CA HIS A 61 16.96 -9.72 -3.03
C HIS A 61 17.01 -8.36 -3.68
N GLU A 62 16.08 -8.08 -4.57
CA GLU A 62 15.90 -6.77 -5.20
C GLU A 62 14.49 -6.27 -4.95
N ARG A 63 14.10 -5.18 -5.58
CA ARG A 63 12.83 -4.53 -5.31
C ARG A 63 12.25 -4.03 -6.63
N PHE A 64 10.97 -3.68 -6.63
CA PHE A 64 10.32 -3.19 -7.84
C PHE A 64 9.15 -2.30 -7.42
N LEU A 65 9.01 -1.17 -8.11
CA LEU A 65 7.91 -0.23 -7.89
C LEU A 65 6.74 -0.59 -8.81
N VAL A 66 5.69 -1.13 -8.23
CA VAL A 66 4.52 -1.64 -8.97
C VAL A 66 3.42 -0.57 -9.07
N SER A 67 2.98 -0.34 -10.30
CA SER A 67 1.89 0.61 -10.57
CA SER A 67 1.88 0.57 -10.68
C SER A 67 0.53 -0.07 -10.43
N THR A 68 -0.39 0.60 -9.73
CA THR A 68 -1.76 0.09 -9.56
C THR A 68 -2.73 0.64 -10.63
N GLY A 69 -2.37 1.73 -11.28
CA GLY A 69 -3.29 2.33 -12.24
C GLY A 69 -4.39 3.18 -11.65
N VAL A 70 -4.40 3.43 -10.33
CA VAL A 70 -5.39 4.28 -9.71
C VAL A 70 -4.79 5.38 -8.85
N SER A 71 -5.54 6.43 -8.65
CA SER A 71 -5.34 7.42 -7.63
C SER A 71 -6.53 7.39 -6.70
N VAL A 72 -6.35 7.93 -5.49
CA VAL A 72 -7.39 7.93 -4.48
C VAL A 72 -7.50 9.22 -3.72
N GLN A 73 -8.68 9.41 -3.11
CA GLN A 73 -8.95 10.47 -2.14
C GLN A 73 -9.38 9.78 -0.85
N ILE A 74 -8.47 9.76 0.12
CA ILE A 74 -8.66 9.14 1.43
CA ILE A 74 -8.75 9.13 1.38
C ILE A 74 -9.65 10.00 2.25
N PRO A 75 -10.53 9.39 3.08
CA PRO A 75 -11.39 10.20 3.95
C PRO A 75 -10.60 11.07 4.93
N HIS A 76 -11.26 12.12 5.39
CA HIS A 76 -10.67 13.09 6.28
C HIS A 76 -10.18 12.47 7.60
N GLN A 77 -9.03 12.95 8.07
CA GLN A 77 -8.42 12.54 9.33
C GLN A 77 -8.01 11.05 9.30
N CYS A 78 -7.74 10.55 8.10
CA CYS A 78 -7.21 9.21 7.90
C CYS A 78 -6.06 9.33 6.94
N TYR A 79 -5.28 8.24 6.85
CA TYR A 79 -4.36 8.05 5.72
C TYR A 79 -4.48 6.60 5.24
N GLY A 80 -3.92 6.32 4.08
CA GLY A 80 -3.88 4.98 3.57
C GLY A 80 -2.50 4.40 3.81
N ARG A 81 -2.46 3.32 4.57
CA ARG A 81 -1.21 2.61 4.80
C ARG A 81 -1.13 1.42 3.88
N ILE A 82 0.00 1.32 3.20
CA ILE A 82 0.28 0.19 2.37
C ILE A 82 0.79 -0.96 3.25
N ALA A 83 0.14 -2.10 3.15
CA ALA A 83 0.47 -3.29 3.94
C ALA A 83 0.71 -4.49 3.05
N PRO A 84 1.54 -5.45 3.49
CA PRO A 84 1.81 -6.63 2.68
C PRO A 84 0.66 -7.62 2.72
N ARG A 85 0.48 -8.34 1.63
CA ARG A 85 -0.39 -9.51 1.63
CA ARG A 85 -0.39 -9.51 1.63
C ARG A 85 0.34 -10.69 2.30
N SER A 86 -0.32 -11.36 3.23
CA SER A 86 0.30 -12.40 4.00
CA SER A 86 0.34 -12.40 4.00
C SER A 86 0.76 -13.57 3.11
N SER A 87 -0.05 -13.92 2.13
CA SER A 87 0.28 -15.09 1.31
C SER A 87 1.57 -14.85 0.52
N LEU A 88 1.79 -13.64 0.04
CA LEU A 88 2.98 -13.37 -0.74
C LEU A 88 4.22 -13.35 0.16
N ALA A 89 4.06 -12.88 1.39
CA ALA A 89 5.16 -12.92 2.38
C ALA A 89 5.55 -14.36 2.70
N LEU A 90 4.54 -15.16 3.04
CA LEU A 90 4.75 -16.58 3.40
CA LEU A 90 4.78 -16.52 3.46
C LEU A 90 5.34 -17.39 2.29
N LYS A 91 4.71 -17.32 1.12
CA LYS A 91 5.09 -18.20 0.03
C LYS A 91 6.34 -17.75 -0.70
N TYR A 92 6.50 -16.42 -0.88
CA TYR A 92 7.47 -15.88 -1.78
C TYR A 92 8.48 -14.90 -1.16
N GLY A 93 8.33 -14.59 0.12
CA GLY A 93 9.25 -13.65 0.76
C GLY A 93 9.09 -12.22 0.35
N ILE A 94 7.90 -11.85 -0.13
CA ILE A 94 7.62 -10.47 -0.50
C ILE A 94 7.26 -9.62 0.70
N ASP A 95 7.86 -8.44 0.79
CA ASP A 95 7.47 -7.45 1.77
C ASP A 95 7.18 -6.18 1.01
N VAL A 96 6.47 -5.27 1.65
CA VAL A 96 6.06 -4.01 1.06
C VAL A 96 6.51 -2.91 1.91
N GLY A 97 7.08 -1.84 1.42
N GLY A 97 7.29 -2.02 1.24
CA GLY A 97 7.25 -0.72 2.40
CA GLY A 97 8.00 -0.84 1.81
C GLY A 97 5.96 -0.19 3.06
C GLY A 97 7.27 0.47 1.54
N ALA A 98 5.93 0.03 4.42
N ALA A 98 7.89 1.62 1.84
CA ALA A 98 4.71 0.51 5.03
CA ALA A 98 7.22 2.92 1.79
C ALA A 98 4.52 2.00 4.93
C ALA A 98 5.80 2.80 2.39
N GLY A 99 4.43 2.45 3.70
N GLY A 99 4.77 3.25 1.69
CA GLY A 99 4.33 3.84 3.39
CA GLY A 99 3.38 3.15 2.17
C GLY A 99 2.97 4.41 3.65
C GLY A 99 2.59 4.18 3.03
N VAL A 100 2.79 5.53 3.07
CA VAL A 100 1.82 6.48 3.59
C VAL A 100 1.28 7.14 2.37
N ILE A 101 -0.02 6.99 2.21
CA ILE A 101 -0.79 7.72 1.20
C ILE A 101 -1.56 8.78 1.98
N ASP A 102 -1.14 10.03 1.82
CA ASP A 102 -1.74 11.12 2.51
C ASP A 102 -3.15 11.43 1.95
N GLU A 103 -4.00 11.98 2.79
CA GLU A 103 -5.33 12.42 2.41
C GLU A 103 -5.34 13.47 1.26
N ASP A 104 -4.23 14.22 1.14
CA ASP A 104 -4.06 15.24 0.09
CA ASP A 104 -4.10 15.23 0.08
C ASP A 104 -3.33 14.73 -1.15
N TYR A 105 -2.92 13.46 -1.17
CA TYR A 105 -2.16 12.94 -2.29
C TYR A 105 -3.07 12.55 -3.45
N ARG A 106 -2.72 13.01 -4.65
CA ARG A 106 -3.55 12.77 -5.84
C ARG A 106 -2.79 12.10 -6.98
N GLY A 107 -1.58 11.66 -6.71
CA GLY A 107 -0.81 10.86 -7.64
C GLY A 107 -1.24 9.41 -7.66
N GLU A 108 -0.71 8.66 -8.62
CA GLU A 108 -0.96 7.22 -8.71
C GLU A 108 -0.42 6.51 -7.48
N ILE A 109 -1.17 5.53 -6.99
CA ILE A 109 -0.64 4.66 -5.94
CA ILE A 109 -0.67 4.65 -5.93
C ILE A 109 0.32 3.67 -6.59
N LYS A 110 1.55 3.70 -6.10
CA LYS A 110 2.59 2.78 -6.55
C LYS A 110 3.20 2.16 -5.29
N VAL A 111 3.43 0.84 -5.37
CA VAL A 111 3.78 -0.03 -4.24
C VAL A 111 5.24 -0.49 -4.43
N ILE A 112 6.11 -0.29 -3.43
CA ILE A 112 7.46 -0.86 -3.53
CA ILE A 112 7.48 -0.87 -3.48
C ILE A 112 7.46 -2.25 -2.87
N LEU A 113 7.70 -3.25 -3.71
CA LEU A 113 7.81 -4.64 -3.28
CA LEU A 113 7.82 -4.65 -3.28
C LEU A 113 9.27 -5.03 -3.17
N PHE A 114 9.66 -5.56 -2.02
CA PHE A 114 10.98 -6.11 -1.79
C PHE A 114 10.85 -7.63 -1.88
N ASN A 115 11.70 -8.25 -2.67
CA ASN A 115 11.77 -9.71 -2.79
C ASN A 115 12.91 -10.22 -1.91
N HIS A 116 12.60 -10.64 -0.70
N HIS A 116 12.55 -10.65 -0.69
CA HIS A 116 13.64 -11.11 0.19
CA HIS A 116 13.48 -11.22 0.30
C HIS A 116 13.96 -12.60 0.05
C HIS A 116 13.51 -12.74 0.17
N SER A 117 13.53 -13.21 -1.03
N SER A 117 13.90 -13.20 -0.99
CA SER A 117 13.90 -14.58 -1.31
CA SER A 117 14.00 -14.61 -1.27
C SER A 117 15.06 -14.75 -2.28
C SER A 117 15.07 -14.76 -2.29
N ASN A 118 15.49 -16.01 -2.46
CA ASN A 118 16.49 -16.37 -3.47
C ASN A 118 15.93 -16.66 -4.85
N GLU A 119 14.62 -16.50 -5.04
CA GLU A 119 13.96 -16.80 -6.31
C GLU A 119 13.40 -15.58 -6.98
N ILE A 120 13.40 -15.55 -8.30
CA ILE A 120 12.70 -14.52 -9.08
C ILE A 120 11.22 -14.57 -8.74
N PHE A 121 10.60 -13.40 -8.54
CA PHE A 121 9.18 -13.28 -8.35
C PHE A 121 8.55 -12.75 -9.63
N ASN A 122 7.57 -13.50 -10.13
CA ASN A 122 6.83 -13.10 -11.34
C ASN A 122 5.45 -12.59 -10.97
N GLY A 123 5.26 -11.30 -11.19
CA GLY A 123 3.97 -10.67 -10.98
C GLY A 123 3.22 -10.48 -12.28
N ARG A 124 1.91 -10.65 -12.20
CA ARG A 124 1.06 -10.52 -13.40
C ARG A 124 0.07 -9.38 -13.26
N LYS A 125 -0.20 -8.73 -14.38
CA LYS A 125 -1.26 -7.77 -14.46
C LYS A 125 -2.57 -8.35 -13.90
N GLY A 126 -3.19 -7.59 -12.99
CA GLY A 126 -4.39 -8.02 -12.31
C GLY A 126 -4.20 -8.78 -10.99
N ASP A 127 -2.94 -9.12 -10.65
CA ASP A 127 -2.63 -9.78 -9.38
C ASP A 127 -2.84 -8.81 -8.22
N ARG A 128 -3.34 -9.33 -7.12
CA ARG A 128 -3.37 -8.58 -5.87
C ARG A 128 -1.95 -8.58 -5.30
N ILE A 129 -1.42 -7.39 -5.03
CA ILE A 129 -0.02 -7.32 -4.62
CA ILE A 129 0.00 -7.18 -4.70
C ILE A 129 0.25 -6.59 -3.32
N ALA A 130 -0.78 -6.07 -2.67
CA ALA A 130 -0.64 -5.35 -1.39
C ALA A 130 -2.07 -5.05 -0.93
N GLN A 131 -2.18 -4.46 0.24
CA GLN A 131 -3.45 -3.97 0.79
CA GLN A 131 -3.45 -3.95 0.69
C GLN A 131 -3.28 -2.52 1.21
N LEU A 132 -4.35 -1.76 1.16
CA LEU A 132 -4.42 -0.39 1.65
C LEU A 132 -5.34 -0.40 2.87
N ILE A 133 -4.85 0.10 3.99
CA ILE A 133 -5.65 0.17 5.20
CA ILE A 133 -5.59 0.15 5.23
C ILE A 133 -5.91 1.64 5.50
N ILE A 134 -7.19 1.95 5.75
CA ILE A 134 -7.58 3.33 6.03
C ILE A 134 -7.53 3.56 7.55
N GLU A 135 -6.38 4.08 7.98
CA GLU A 135 -6.01 4.25 9.39
C GLU A 135 -6.44 5.62 9.91
N ARG A 136 -7.00 5.66 11.12
CA ARG A 136 -7.32 6.94 11.76
C ARG A 136 -6.10 7.53 12.44
N ILE A 137 -5.87 8.81 12.20
CA ILE A 137 -4.70 9.49 12.69
C ILE A 137 -5.05 10.86 13.29
N SER A 138 -4.07 11.40 14.01
CA SER A 138 -4.12 12.75 14.55
C SER A 138 -3.29 13.69 13.73
N TYR A 139 -3.86 14.86 13.40
CA TYR A 139 -3.10 15.97 12.80
C TYR A 139 -2.62 16.94 13.88
N CYS A 140 -2.25 16.43 15.05
CA CYS A 140 -1.80 17.26 16.16
C CYS A 140 -0.73 18.22 15.71
N ARG A 141 -0.76 19.40 16.31
CA ARG A 141 0.31 20.35 16.10
C ARG A 141 1.54 19.85 16.88
N ILE A 142 2.69 20.36 16.52
CA ILE A 142 3.98 20.01 17.07
C ILE A 142 4.56 21.20 17.82
N SER A 143 4.96 20.97 19.06
CA SER A 143 5.44 22.02 19.96
CA SER A 143 5.48 22.05 19.92
C SER A 143 6.75 21.62 20.60
N GLU A 144 7.76 22.48 20.48
CA GLU A 144 9.03 22.24 21.14
C GLU A 144 8.95 22.73 22.58
N VAL A 145 9.46 21.94 23.51
CA VAL A 145 9.51 22.27 24.93
C VAL A 145 10.85 21.86 25.50
N LYS A 146 11.24 22.44 26.63
CA LYS A 146 12.51 22.15 27.24
C LYS A 146 12.51 20.81 27.98
N GLU A 147 11.38 20.37 28.48
CA GLU A 147 11.28 19.10 29.21
C GLU A 147 9.93 18.45 28.96
N LEU A 148 9.91 17.11 28.91
CA LEU A 148 8.66 16.36 28.84
C LEU A 148 8.22 15.93 30.21
N ASN A 149 6.98 15.48 30.36
CA ASN A 149 6.57 14.90 31.65
C ASN A 149 7.24 13.53 31.93
N THR A 150 7.25 13.10 33.19
CA THR A 150 7.88 11.82 33.56
C THR A 150 6.84 10.71 33.50
N THR A 151 7.27 9.48 33.20
CA THR A 151 6.37 8.32 33.18
C THR A 151 6.90 7.16 34.04
#